data_8UPI
#
_entry.id   8UPI
#
_cell.length_a   56.247
_cell.length_b   58.920
_cell.length_c   139.355
_cell.angle_alpha   90.00
_cell.angle_beta   90.00
_cell.angle_gamma   90.00
#
_symmetry.space_group_name_H-M   'P 21 21 21'
#
loop_
_entity.id
_entity.type
_entity.pdbx_description
1 polymer 'Peptide ABC transporter substrate-binding protein'
2 non-polymer 'CALCIUM ION'
3 non-polymer 1,2-ETHANEDIOL
4 non-polymer AMINOSERINE
5 water water
#
_entity_poly.entity_id   1
_entity_poly.type   'polypeptide(L)'
_entity_poly.pdbx_seq_one_letter_code
;GEDTIDPNAKQGGAITITYKDDVATLDPAIGYDWQNWSMIKSLFDGLMDYEPGTTNLKPDLAESYEISPDGKTFTFKLRH
GVKFHNGREMTADDVKYSLDRVTNPKTQSPGAGFFGSIKGYDDVAAGKATSLSGVTVVDPYTVKFELTRPDATFLHVMAI
NFSHVVPKEEVEKYGADFGKHPVGTGAFKLAEWTLGQRIVFERNPDYWHKGLPHLDKITFEIGQEPIVALLRLQKGEIDV
PGDGIPPAKFQEVMADPEQKARVVEGGQLHTGYVTMNTTMAPFDNVKVRQAVNMAINKARIIQIINGRAVPANQPLPPSM
PGYDKEYKGYPYDVAKAKALLAEAGHPDGFETQLFAMNTDPNPRIAQAIQQDLAAIGIKASIQSLAQANVIAAGGDKAGA
PMIWSGGMAWIADFPDPSNFYGPILGCAGAVPGGWNWSWYCNKDLDAKAAEADSVVDPAKGAERDKMWSAIYDKVMEDAP
WAPVFNEQRFTMKSARMGGADNLYVDPVHIPINYDNVYVKDVQ
;
_entity_poly.pdbx_strand_id   A
#
# COMPACT_ATOMS: atom_id res chain seq x y z
N GLN A 11 9.66 22.13 16.90
CA GLN A 11 9.52 21.96 18.35
C GLN A 11 8.12 22.30 18.85
N GLY A 12 7.24 21.31 18.90
CA GLY A 12 5.91 21.50 19.44
C GLY A 12 4.84 21.59 18.37
N GLY A 13 3.63 21.90 18.81
CA GLY A 13 2.53 22.10 17.88
C GLY A 13 1.58 20.92 17.84
N ALA A 14 0.30 21.23 17.65
CA ALA A 14 -0.77 20.23 17.55
C ALA A 14 -1.55 20.47 16.28
N ILE A 15 -1.52 19.51 15.36
CA ILE A 15 -2.14 19.67 14.05
C ILE A 15 -3.38 18.78 13.96
N THR A 16 -4.23 19.08 12.97
CA THR A 16 -5.46 18.36 12.71
C THR A 16 -5.51 17.94 11.25
N ILE A 17 -5.86 16.67 11.02
CA ILE A 17 -5.93 16.07 9.70
C ILE A 17 -7.29 15.38 9.58
N THR A 18 -7.99 15.61 8.48
CA THR A 18 -9.32 15.07 8.29
C THR A 18 -9.31 13.87 7.34
N TYR A 19 -10.20 12.90 7.63
CA TYR A 19 -10.46 11.77 6.75
C TYR A 19 -11.95 11.44 6.82
N LYS A 20 -12.52 11.00 5.70
CA LYS A 20 -13.90 10.56 5.73
C LYS A 20 -14.00 9.15 6.28
N ASP A 21 -13.21 8.23 5.73
N ASP A 21 -13.23 8.23 5.72
CA ASP A 21 -13.23 6.85 6.16
CA ASP A 21 -13.23 6.85 6.15
C ASP A 21 -12.49 6.68 7.49
C ASP A 21 -12.58 6.72 7.53
N ASP A 22 -12.72 5.55 8.13
CA ASP A 22 -12.21 5.25 9.44
C ASP A 22 -10.97 4.36 9.35
N VAL A 23 -10.27 4.24 10.47
CA VAL A 23 -9.15 3.32 10.61
C VAL A 23 -9.64 2.06 11.29
N ALA A 24 -9.35 0.90 10.69
CA ALA A 24 -9.72 -0.38 11.29
C ALA A 24 -8.57 -1.03 12.03
N THR A 25 -7.32 -0.68 11.69
CA THR A 25 -6.21 -1.32 12.36
C THR A 25 -4.96 -0.45 12.27
N LEU A 26 -4.19 -0.44 13.35
CA LEU A 26 -2.86 0.15 13.39
C LEU A 26 -1.79 -0.92 13.67
N ASP A 27 -2.11 -2.19 13.42
CA ASP A 27 -1.15 -3.29 13.56
C ASP A 27 -0.23 -3.33 12.34
N PRO A 28 1.08 -3.21 12.51
CA PRO A 28 1.97 -3.17 11.32
C PRO A 28 1.94 -4.45 10.50
N ALA A 29 1.51 -5.57 11.08
CA ALA A 29 1.39 -6.80 10.30
C ALA A 29 0.20 -6.78 9.35
N ILE A 30 -0.76 -5.87 9.56
CA ILE A 30 -2.06 -5.93 8.89
C ILE A 30 -2.32 -4.69 8.03
N GLY A 31 -2.06 -3.50 8.57
CA GLY A 31 -2.48 -2.29 7.89
C GLY A 31 -1.79 -2.13 6.54
N TYR A 32 -2.58 -1.73 5.52
CA TYR A 32 -2.03 -1.63 4.18
C TYR A 32 -2.73 -0.61 3.29
N ASP A 33 -3.55 0.29 3.82
CA ASP A 33 -4.29 1.20 2.96
C ASP A 33 -3.69 2.59 3.00
N TRP A 34 -4.23 3.48 2.17
CA TRP A 34 -3.64 4.80 2.00
C TRP A 34 -3.78 5.68 3.23
N GLN A 35 -4.70 5.35 4.13
N GLN A 35 -4.69 5.33 4.14
CA GLN A 35 -4.93 6.15 5.32
CA GLN A 35 -4.96 6.15 5.31
C GLN A 35 -4.01 5.74 6.47
C GLN A 35 -4.11 5.74 6.52
N ASN A 36 -3.91 4.44 6.75
CA ASN A 36 -3.18 3.98 7.93
C ASN A 36 -1.72 3.61 7.68
N TRP A 37 -1.27 3.53 6.42
CA TRP A 37 0.10 3.10 6.16
C TRP A 37 1.12 4.00 6.86
N SER A 38 1.01 5.32 6.67
CA SER A 38 1.98 6.23 7.27
C SER A 38 1.71 6.45 8.76
N MET A 39 0.46 6.32 9.19
N MET A 39 0.45 6.33 9.19
CA MET A 39 0.16 6.33 10.61
CA MET A 39 0.16 6.32 10.61
C MET A 39 0.92 5.23 11.34
C MET A 39 0.97 5.24 11.31
N ILE A 40 0.91 4.03 10.78
CA ILE A 40 1.62 2.90 11.37
C ILE A 40 3.12 3.16 11.38
N LYS A 41 3.66 3.74 10.30
CA LYS A 41 5.11 4.04 10.27
C LYS A 41 5.51 5.04 11.34
N SER A 42 4.58 5.85 11.83
CA SER A 42 4.91 6.79 12.89
C SER A 42 4.77 6.20 14.29
N LEU A 43 3.99 5.14 14.45
CA LEU A 43 3.88 4.47 15.74
C LEU A 43 4.94 3.38 15.94
N PHE A 44 5.50 2.85 14.85
CA PHE A 44 6.41 1.73 14.91
C PHE A 44 7.67 2.04 14.11
N ASP A 45 8.68 1.17 14.25
CA ASP A 45 9.91 1.24 13.47
C ASP A 45 10.37 -0.17 13.10
N GLY A 46 11.10 -0.27 11.98
CA GLY A 46 11.79 -1.50 11.63
C GLY A 46 13.29 -1.30 11.60
N LEU A 47 14.03 -2.30 11.10
CA LEU A 47 15.49 -2.20 11.07
C LEU A 47 15.95 -1.05 10.18
N MET A 48 15.24 -0.80 9.09
CA MET A 48 15.61 0.21 8.12
C MET A 48 14.49 1.22 7.98
N ASP A 49 14.84 2.40 7.50
CA ASP A 49 13.86 3.42 7.12
C ASP A 49 14.49 4.16 5.93
N TYR A 50 14.06 5.40 5.72
CA TYR A 50 14.48 6.18 4.56
C TYR A 50 14.79 7.61 5.00
N GLU A 51 15.73 8.22 4.32
CA GLU A 51 15.96 9.64 4.53
C GLU A 51 14.64 10.36 4.28
N PRO A 52 14.19 11.23 5.18
CA PRO A 52 12.86 11.84 5.03
C PRO A 52 12.68 12.50 3.67
N GLY A 53 11.55 12.20 3.02
CA GLY A 53 11.22 12.76 1.73
C GLY A 53 11.80 12.02 0.54
N THR A 54 12.55 10.95 0.78
CA THR A 54 13.25 10.22 -0.30
C THR A 54 12.97 8.74 -0.16
N THR A 55 13.48 7.99 -1.14
CA THR A 55 13.52 6.53 -1.06
C THR A 55 14.92 6.01 -0.80
N ASN A 56 15.76 6.81 -0.14
CA ASN A 56 17.13 6.44 0.16
C ASN A 56 17.16 5.71 1.50
N LEU A 57 17.51 4.42 1.47
CA LEU A 57 17.51 3.59 2.65
C LEU A 57 18.53 4.08 3.67
N LYS A 58 18.18 3.95 4.95
CA LYS A 58 19.12 4.25 6.02
C LYS A 58 18.77 3.39 7.22
N PRO A 59 19.77 3.04 8.04
CA PRO A 59 19.46 2.26 9.25
C PRO A 59 18.55 3.03 10.18
N ASP A 60 17.63 2.30 10.79
CA ASP A 60 16.68 2.87 11.74
C ASP A 60 16.90 2.20 13.09
N LEU A 61 16.17 1.11 13.39
CA LEU A 61 16.45 0.37 14.61
C LEU A 61 17.79 -0.34 14.57
N ALA A 62 18.26 -0.67 13.38
CA ALA A 62 19.65 -1.08 13.23
C ALA A 62 20.55 0.15 13.25
N GLU A 63 21.66 0.03 13.95
CA GLU A 63 22.71 1.03 13.86
C GLU A 63 23.60 0.79 12.66
N SER A 64 23.83 -0.47 12.30
CA SER A 64 24.66 -0.79 11.16
C SER A 64 24.32 -2.20 10.70
N TYR A 65 24.85 -2.57 9.54
CA TYR A 65 24.62 -3.93 9.06
C TYR A 65 25.74 -4.34 8.12
N GLU A 66 25.87 -5.66 7.95
CA GLU A 66 26.83 -6.24 7.02
C GLU A 66 26.12 -7.22 6.09
N ILE A 67 26.62 -7.31 4.86
CA ILE A 67 26.12 -8.27 3.87
C ILE A 67 27.26 -9.19 3.49
N SER A 68 26.99 -10.49 3.45
CA SER A 68 28.00 -11.42 3.00
C SER A 68 28.24 -11.22 1.49
N PRO A 69 29.40 -11.65 1.00
CA PRO A 69 29.69 -11.46 -0.43
C PRO A 69 28.65 -12.06 -1.35
N ASP A 70 28.11 -13.23 -1.00
CA ASP A 70 27.08 -13.84 -1.84
C ASP A 70 25.73 -13.16 -1.68
N GLY A 71 25.65 -12.13 -0.84
CA GLY A 71 24.43 -11.38 -0.68
C GLY A 71 23.29 -12.14 -0.04
N LYS A 72 23.57 -13.23 0.66
N LYS A 72 23.57 -13.23 0.66
CA LYS A 72 22.52 -14.05 1.25
CA LYS A 72 22.52 -14.04 1.25
C LYS A 72 22.53 -14.05 2.78
C LYS A 72 22.51 -14.02 2.77
N THR A 73 23.47 -13.35 3.41
CA THR A 73 23.48 -13.21 4.86
C THR A 73 23.55 -11.73 5.23
N PHE A 74 22.50 -11.25 5.89
CA PHE A 74 22.43 -9.88 6.40
C PHE A 74 22.52 -9.92 7.92
N THR A 75 23.51 -9.22 8.49
CA THR A 75 23.70 -9.17 9.94
C THR A 75 23.51 -7.73 10.39
N PHE A 76 22.52 -7.53 11.25
CA PHE A 76 22.17 -6.20 11.73
C PHE A 76 22.63 -6.03 13.17
N LYS A 77 23.38 -4.95 13.43
CA LYS A 77 23.68 -4.52 14.78
C LYS A 77 22.62 -3.53 15.23
N LEU A 78 21.94 -3.84 16.33
CA LEU A 78 20.82 -3.02 16.77
C LEU A 78 21.28 -1.86 17.63
N ARG A 79 20.51 -0.76 17.56
CA ARG A 79 20.67 0.31 18.54
C ARG A 79 20.37 -0.20 19.94
N HIS A 80 21.14 0.30 20.91
CA HIS A 80 20.89 0.05 22.32
C HIS A 80 19.98 1.14 22.87
N GLY A 81 19.22 0.79 23.91
CA GLY A 81 18.40 1.77 24.60
C GLY A 81 17.10 2.13 23.93
N VAL A 82 16.65 1.37 22.94
CA VAL A 82 15.37 1.63 22.28
C VAL A 82 14.27 1.08 23.17
N LYS A 83 13.29 1.92 23.48
CA LYS A 83 12.19 1.52 24.36
C LYS A 83 10.88 1.48 23.57
N PHE A 84 10.10 0.43 23.81
CA PHE A 84 8.70 0.46 23.40
C PHE A 84 7.96 1.51 24.21
N HIS A 85 6.77 1.89 23.74
CA HIS A 85 5.99 2.90 24.44
C HIS A 85 5.64 2.48 25.87
N ASN A 86 5.64 1.17 26.15
CA ASN A 86 5.40 0.66 27.50
C ASN A 86 6.64 0.68 28.39
N GLY A 87 7.76 1.19 27.91
CA GLY A 87 8.95 1.34 28.72
C GLY A 87 9.98 0.24 28.60
N ARG A 88 9.66 -0.87 27.95
CA ARG A 88 10.56 -2.01 27.90
C ARG A 88 11.63 -1.84 26.81
N GLU A 89 12.83 -2.28 27.12
CA GLU A 89 13.92 -2.29 26.13
C GLU A 89 13.63 -3.24 24.98
N MET A 90 13.88 -2.77 23.76
N MET A 90 13.85 -2.76 23.76
CA MET A 90 13.74 -3.60 22.57
CA MET A 90 13.77 -3.61 22.58
C MET A 90 15.06 -4.31 22.29
C MET A 90 15.09 -4.34 22.38
N THR A 91 14.99 -5.63 22.05
CA THR A 91 16.19 -6.41 21.74
C THR A 91 15.93 -7.26 20.50
N ALA A 92 16.97 -7.98 20.09
CA ALA A 92 16.89 -8.83 18.92
C ALA A 92 15.78 -9.87 19.03
N ASP A 93 15.48 -10.33 20.25
CA ASP A 93 14.37 -11.26 20.41
C ASP A 93 13.07 -10.67 19.87
N ASP A 94 12.90 -9.34 19.99
CA ASP A 94 11.68 -8.72 19.49
C ASP A 94 11.65 -8.66 17.97
N VAL A 95 12.81 -8.52 17.33
CA VAL A 95 12.85 -8.55 15.87
C VAL A 95 12.50 -9.94 15.37
N LYS A 96 13.10 -10.96 15.98
CA LYS A 96 12.75 -12.34 15.65
C LYS A 96 11.26 -12.58 15.83
N TYR A 97 10.71 -12.23 17.00
CA TYR A 97 9.29 -12.46 17.26
C TYR A 97 8.43 -11.81 16.18
N SER A 98 8.73 -10.56 15.83
CA SER A 98 7.92 -9.85 14.84
C SER A 98 7.95 -10.53 13.48
N LEU A 99 9.13 -11.02 13.06
CA LEU A 99 9.24 -11.66 11.77
C LEU A 99 8.55 -13.03 11.78
N ASP A 100 8.73 -13.79 12.86
CA ASP A 100 8.02 -15.06 13.02
C ASP A 100 6.50 -14.84 12.97
N ARG A 101 6.04 -13.76 13.59
CA ARG A 101 4.61 -13.47 13.63
C ARG A 101 4.07 -13.09 12.27
N VAL A 102 4.75 -12.19 11.57
CA VAL A 102 4.15 -11.65 10.34
C VAL A 102 4.16 -12.70 9.23
N THR A 103 5.10 -13.65 9.28
CA THR A 103 5.12 -14.71 8.28
C THR A 103 4.20 -15.87 8.65
N ASN A 104 3.85 -16.01 9.93
CA ASN A 104 2.95 -17.08 10.35
C ASN A 104 1.61 -16.92 9.65
N PRO A 105 1.12 -17.94 8.93
CA PRO A 105 -0.16 -17.79 8.20
C PRO A 105 -1.34 -17.44 9.10
N LYS A 106 -1.31 -17.80 10.39
CA LYS A 106 -2.45 -17.48 11.25
C LYS A 106 -2.60 -15.98 11.49
N THR A 107 -1.53 -15.21 11.29
CA THR A 107 -1.61 -13.76 11.40
C THR A 107 -2.37 -13.11 10.26
N GLN A 108 -2.43 -13.79 9.10
N GLN A 108 -2.44 -13.79 9.11
CA GLN A 108 -3.17 -13.27 7.93
CA GLN A 108 -3.16 -13.29 7.93
C GLN A 108 -2.62 -11.93 7.48
C GLN A 108 -2.62 -11.93 7.48
N SER A 109 -1.31 -11.77 7.53
CA SER A 109 -0.68 -10.57 7.02
C SER A 109 -0.75 -10.57 5.50
N PRO A 110 -1.18 -9.46 4.87
CA PRO A 110 -1.07 -9.36 3.41
C PRO A 110 0.36 -9.15 2.93
N GLY A 111 1.32 -9.01 3.83
CA GLY A 111 2.70 -8.79 3.45
C GLY A 111 3.63 -9.95 3.71
N ALA A 112 3.11 -11.13 4.05
CA ALA A 112 3.97 -12.25 4.42
C ALA A 112 4.93 -12.61 3.29
N GLY A 113 4.48 -12.51 2.05
CA GLY A 113 5.28 -12.95 0.91
C GLY A 113 6.56 -12.16 0.70
N PHE A 114 6.65 -10.95 1.27
CA PHE A 114 7.87 -10.17 1.11
C PHE A 114 9.07 -10.85 1.73
N PHE A 115 8.83 -11.82 2.62
CA PHE A 115 9.89 -12.51 3.34
C PHE A 115 10.18 -13.88 2.76
N GLY A 116 9.65 -14.17 1.57
CA GLY A 116 9.82 -15.48 0.96
C GLY A 116 11.24 -15.93 0.72
N SER A 117 12.19 -14.99 0.62
CA SER A 117 13.58 -15.39 0.39
C SER A 117 14.30 -15.81 1.68
N ILE A 118 13.71 -15.58 2.86
CA ILE A 118 14.37 -16.00 4.09
C ILE A 118 14.35 -17.51 4.22
N LYS A 119 15.48 -18.08 4.65
CA LYS A 119 15.55 -19.52 4.87
C LYS A 119 14.46 -19.95 5.84
N GLY A 120 13.78 -21.03 5.50
CA GLY A 120 12.71 -21.56 6.32
C GLY A 120 11.36 -20.91 6.11
N TYR A 121 11.24 -19.94 5.19
CA TYR A 121 9.95 -19.33 4.95
C TYR A 121 8.92 -20.36 4.51
N ASP A 122 9.30 -21.25 3.59
N ASP A 122 9.30 -21.24 3.58
CA ASP A 122 8.33 -22.21 3.06
CA ASP A 122 8.33 -22.21 3.06
C ASP A 122 7.75 -23.08 4.17
C ASP A 122 7.74 -23.05 4.18
N ASP A 123 8.57 -23.49 5.13
CA ASP A 123 8.06 -24.30 6.23
C ASP A 123 7.04 -23.53 7.06
N VAL A 124 7.29 -22.24 7.27
CA VAL A 124 6.36 -21.41 8.02
C VAL A 124 5.07 -21.22 7.25
N ALA A 125 5.18 -20.84 5.97
CA ALA A 125 3.99 -20.65 5.13
C ALA A 125 3.14 -21.92 5.05
N ALA A 126 3.77 -23.08 5.05
CA ALA A 126 3.06 -24.35 4.95
C ALA A 126 2.57 -24.87 6.29
N GLY A 127 2.79 -24.13 7.37
CA GLY A 127 2.40 -24.57 8.70
C GLY A 127 3.27 -25.65 9.31
N LYS A 128 4.43 -25.94 8.73
CA LYS A 128 5.34 -26.94 9.26
C LYS A 128 6.28 -26.38 10.32
N ALA A 129 6.30 -25.06 10.49
CA ALA A 129 7.12 -24.40 11.49
C ALA A 129 6.44 -23.10 11.87
N THR A 130 6.66 -22.68 13.12
CA THR A 130 6.15 -21.40 13.59
C THR A 130 7.25 -20.37 13.81
N SER A 131 8.49 -20.70 13.44
CA SER A 131 9.62 -19.79 13.56
C SER A 131 10.42 -19.88 12.27
N LEU A 132 10.94 -18.74 11.83
CA LEU A 132 11.78 -18.71 10.63
C LEU A 132 13.19 -19.15 10.97
N SER A 133 13.63 -20.28 10.40
CA SER A 133 14.98 -20.76 10.68
C SER A 133 16.04 -19.77 10.21
N GLY A 134 15.74 -18.96 9.19
CA GLY A 134 16.69 -18.03 8.66
C GLY A 134 16.87 -16.75 9.46
N VAL A 135 16.07 -16.52 10.49
CA VAL A 135 16.23 -15.36 11.36
C VAL A 135 16.75 -15.86 12.70
N THR A 136 17.96 -15.43 13.06
CA THR A 136 18.59 -15.90 14.29
C THR A 136 18.98 -14.73 15.18
N VAL A 137 18.77 -14.89 16.47
CA VAL A 137 19.22 -13.93 17.47
C VAL A 137 20.64 -14.35 17.86
N VAL A 138 21.62 -13.58 17.41
CA VAL A 138 23.01 -13.88 17.72
C VAL A 138 23.35 -13.44 19.13
N ASP A 139 22.87 -12.27 19.51
CA ASP A 139 22.94 -11.81 20.89
C ASP A 139 21.87 -10.74 21.03
N PRO A 140 21.67 -10.21 22.22
CA PRO A 140 20.54 -9.29 22.41
C PRO A 140 20.50 -8.12 21.44
N TYR A 141 21.64 -7.73 20.86
CA TYR A 141 21.67 -6.59 19.95
C TYR A 141 22.21 -6.96 18.57
N THR A 142 22.11 -8.23 18.19
CA THR A 142 22.55 -8.68 16.86
C THR A 142 21.55 -9.69 16.32
N VAL A 143 20.99 -9.41 15.15
CA VAL A 143 20.04 -10.30 14.51
C VAL A 143 20.54 -10.57 13.09
N LYS A 144 20.53 -11.84 12.71
CA LYS A 144 21.06 -12.31 11.44
C LYS A 144 19.94 -12.88 10.59
N PHE A 145 19.97 -12.54 9.30
CA PHE A 145 19.04 -13.08 8.31
C PHE A 145 19.83 -13.88 7.29
N GLU A 146 19.48 -15.15 7.13
CA GLU A 146 20.05 -16.00 6.10
C GLU A 146 18.98 -16.26 5.04
N LEU A 147 19.33 -16.01 3.77
CA LEU A 147 18.43 -16.16 2.65
C LEU A 147 18.74 -17.42 1.86
N THR A 148 17.71 -17.95 1.19
CA THR A 148 17.89 -19.09 0.30
C THR A 148 18.35 -18.66 -1.10
N ARG A 149 18.25 -17.37 -1.41
CA ARG A 149 18.57 -16.84 -2.73
C ARG A 149 18.85 -15.35 -2.58
N PRO A 150 19.64 -14.76 -3.47
CA PRO A 150 19.76 -13.30 -3.45
C PRO A 150 18.39 -12.67 -3.64
N ASP A 151 18.23 -11.48 -3.06
CA ASP A 151 16.92 -10.80 -3.05
C ASP A 151 17.15 -9.30 -3.18
N ALA A 152 16.91 -8.77 -4.38
CA ALA A 152 17.19 -7.37 -4.68
C ALA A 152 16.38 -6.40 -3.84
N THR A 153 15.27 -6.84 -3.24
CA THR A 153 14.41 -5.93 -2.47
C THR A 153 14.51 -6.17 -0.97
N PHE A 154 15.49 -6.95 -0.51
CA PHE A 154 15.50 -7.34 0.89
C PHE A 154 15.63 -6.13 1.81
N LEU A 155 16.56 -5.22 1.51
CA LEU A 155 16.72 -4.07 2.41
C LEU A 155 15.45 -3.23 2.45
N HIS A 156 14.79 -3.04 1.30
CA HIS A 156 13.51 -2.35 1.30
C HIS A 156 12.51 -3.07 2.18
N VAL A 157 12.50 -4.40 2.13
CA VAL A 157 11.57 -5.15 2.97
C VAL A 157 11.95 -5.03 4.44
N MET A 158 13.22 -4.72 4.76
CA MET A 158 13.49 -4.50 6.16
C MET A 158 13.11 -3.11 6.61
N ALA A 159 12.61 -2.30 5.69
CA ALA A 159 12.01 -1.01 5.98
C ALA A 159 10.48 -0.99 5.86
N ILE A 160 9.89 -2.06 5.34
CA ILE A 160 8.44 -2.08 5.10
C ILE A 160 7.71 -2.34 6.42
N ASN A 161 6.46 -1.86 6.51
CA ASN A 161 5.72 -1.94 7.77
C ASN A 161 5.70 -3.35 8.34
N PHE A 162 5.64 -4.35 7.45
CA PHE A 162 5.46 -5.72 7.89
C PHE A 162 6.64 -6.23 8.70
N SER A 163 7.82 -5.63 8.57
CA SER A 163 8.94 -6.00 9.41
C SER A 163 9.18 -5.00 10.55
N HIS A 164 8.24 -4.08 10.78
CA HIS A 164 8.33 -3.23 11.97
C HIS A 164 8.17 -4.08 13.25
N VAL A 165 8.74 -3.60 14.35
CA VAL A 165 8.97 -4.43 15.53
C VAL A 165 7.86 -4.19 16.55
N VAL A 166 7.23 -5.28 16.99
CA VAL A 166 6.12 -5.22 17.94
C VAL A 166 6.54 -5.94 19.20
N PRO A 167 5.93 -5.59 20.35
CA PRO A 167 6.25 -6.24 21.62
C PRO A 167 5.32 -7.40 21.92
N LYS A 168 5.88 -8.60 22.02
CA LYS A 168 5.07 -9.80 22.10
C LYS A 168 4.11 -9.76 23.30
N GLU A 169 4.50 -9.14 24.41
CA GLU A 169 3.62 -9.16 25.58
C GLU A 169 2.34 -8.35 25.34
N GLU A 170 2.42 -7.33 24.49
CA GLU A 170 1.23 -6.55 24.17
C GLU A 170 0.34 -7.28 23.18
N VAL A 171 0.94 -7.99 22.23
CA VAL A 171 0.18 -8.82 21.31
C VAL A 171 -0.57 -9.91 22.07
N GLU A 172 0.10 -10.55 23.03
CA GLU A 172 -0.55 -11.57 23.85
C GLU A 172 -1.70 -10.96 24.65
N LYS A 173 -1.50 -9.75 25.16
CA LYS A 173 -2.54 -9.15 25.99
C LYS A 173 -3.80 -8.86 25.19
N TYR A 174 -3.66 -8.38 23.96
CA TYR A 174 -4.82 -7.99 23.17
C TYR A 174 -5.17 -8.96 22.05
N GLY A 175 -4.27 -9.87 21.68
CA GLY A 175 -4.58 -10.84 20.64
C GLY A 175 -5.01 -10.19 19.34
N ALA A 176 -6.16 -10.64 18.81
CA ALA A 176 -6.69 -10.07 17.58
C ALA A 176 -6.99 -8.57 17.70
N ASP A 177 -7.03 -8.03 18.91
CA ASP A 177 -7.33 -6.62 19.13
C ASP A 177 -6.07 -5.77 19.25
N PHE A 178 -4.89 -6.34 19.02
CA PHE A 178 -3.66 -5.54 19.09
C PHE A 178 -3.71 -4.36 18.14
N GLY A 179 -4.34 -4.53 16.98
CA GLY A 179 -4.46 -3.44 16.03
C GLY A 179 -5.25 -2.25 16.56
N LYS A 180 -6.01 -2.45 17.63
CA LYS A 180 -6.71 -1.35 18.28
C LYS A 180 -5.94 -0.79 19.47
N HIS A 181 -4.85 -1.44 19.87
CA HIS A 181 -4.05 -1.00 21.02
C HIS A 181 -2.56 -1.06 20.66
N PRO A 182 -2.15 -0.39 19.58
CA PRO A 182 -0.75 -0.50 19.14
C PRO A 182 0.23 0.02 20.17
N VAL A 183 1.28 -0.75 20.39
CA VAL A 183 2.41 -0.33 21.21
C VAL A 183 3.67 -0.59 20.39
N GLY A 184 4.43 0.46 20.10
CA GLY A 184 5.62 0.33 19.26
C GLY A 184 6.79 1.11 19.79
N THR A 185 7.83 1.29 18.97
CA THR A 185 8.99 2.09 19.34
C THR A 185 8.98 3.47 18.71
N GLY A 186 7.92 3.81 17.98
CA GLY A 186 7.95 4.91 17.05
C GLY A 186 7.86 6.28 17.69
N ALA A 187 7.97 7.29 16.85
CA ALA A 187 8.06 8.68 17.25
C ALA A 187 6.79 9.20 17.92
N PHE A 188 5.63 8.61 17.61
CA PHE A 188 4.39 8.95 18.25
C PHE A 188 3.83 7.72 18.95
N LYS A 189 3.03 7.96 19.99
CA LYS A 189 2.25 6.90 20.61
C LYS A 189 0.77 7.24 20.52
N LEU A 190 -0.07 6.21 20.53
CA LEU A 190 -1.51 6.39 20.51
C LEU A 190 -1.99 6.95 21.84
N ALA A 191 -2.77 8.02 21.79
CA ALA A 191 -3.28 8.66 22.99
C ALA A 191 -4.78 8.50 23.18
N GLU A 192 -5.57 8.80 22.15
CA GLU A 192 -7.01 8.64 22.20
C GLU A 192 -7.44 7.98 20.90
N TRP A 193 -8.40 7.06 21.00
CA TRP A 193 -9.03 6.46 19.84
C TRP A 193 -10.52 6.39 20.16
N THR A 194 -11.25 7.42 19.74
CA THR A 194 -12.70 7.41 19.82
C THR A 194 -13.24 6.91 18.49
N LEU A 195 -13.77 5.68 18.48
CA LEU A 195 -14.11 5.00 17.24
C LEU A 195 -15.05 5.85 16.39
N GLY A 196 -14.71 5.95 15.10
CA GLY A 196 -15.51 6.70 14.14
C GLY A 196 -15.45 8.19 14.30
N GLN A 197 -14.60 8.71 15.20
CA GLN A 197 -14.59 10.14 15.47
C GLN A 197 -13.19 10.75 15.49
N ARG A 198 -12.26 10.15 16.22
CA ARG A 198 -10.98 10.83 16.33
C ARG A 198 -9.90 9.88 16.83
N ILE A 199 -8.71 10.02 16.24
CA ILE A 199 -7.52 9.29 16.64
C ILE A 199 -6.43 10.31 16.93
N VAL A 200 -5.85 10.24 18.13
CA VAL A 200 -4.87 11.23 18.59
C VAL A 200 -3.52 10.56 18.78
N PHE A 201 -2.50 11.07 18.08
CA PHE A 201 -1.11 10.67 18.26
C PHE A 201 -0.42 11.73 19.09
N GLU A 202 0.30 11.31 20.13
CA GLU A 202 1.11 12.22 20.92
C GLU A 202 2.58 11.90 20.74
N ARG A 203 3.42 12.95 20.78
N ARG A 203 3.41 12.95 20.77
CA ARG A 203 4.86 12.76 20.67
CA ARG A 203 4.85 12.77 20.68
C ARG A 203 5.33 11.75 21.72
C ARG A 203 5.32 11.75 21.72
N ASN A 204 6.21 10.84 21.29
CA ASN A 204 6.82 9.89 22.20
C ASN A 204 8.05 10.55 22.79
N PRO A 205 8.02 10.98 24.06
CA PRO A 205 9.14 11.77 24.59
C PRO A 205 10.44 10.99 24.70
N ASP A 206 10.39 9.65 24.70
CA ASP A 206 11.58 8.83 24.84
C ASP A 206 12.00 8.18 23.52
N TYR A 207 11.43 8.61 22.40
CA TYR A 207 11.82 8.08 21.10
C TYR A 207 13.34 8.03 20.97
N TRP A 208 13.84 6.91 20.44
CA TRP A 208 15.28 6.71 20.38
C TRP A 208 15.94 7.72 19.45
N HIS A 209 15.20 8.21 18.46
CA HIS A 209 15.73 9.16 17.47
C HIS A 209 15.52 10.56 18.03
N LYS A 210 16.53 11.06 18.73
CA LYS A 210 16.37 12.29 19.51
C LYS A 210 16.19 13.49 18.60
N GLY A 211 15.34 14.43 19.02
CA GLY A 211 14.95 15.53 18.19
C GLY A 211 13.72 15.27 17.34
N LEU A 212 13.28 14.03 17.26
CA LEU A 212 12.09 13.67 16.52
C LEU A 212 11.06 13.07 17.46
N PRO A 213 9.77 13.20 17.15
CA PRO A 213 9.22 14.01 16.06
C PRO A 213 9.27 15.49 16.45
N HIS A 214 8.85 16.41 15.59
CA HIS A 214 8.82 17.81 15.97
C HIS A 214 7.48 18.20 16.59
N LEU A 215 6.37 17.72 16.01
CA LEU A 215 5.06 18.04 16.55
C LEU A 215 4.86 17.37 17.90
N ASP A 216 4.00 17.99 18.71
CA ASP A 216 3.57 17.36 19.96
C ASP A 216 2.36 16.46 19.77
N LYS A 217 1.52 16.73 18.78
CA LYS A 217 0.23 16.06 18.69
C LYS A 217 -0.29 16.13 17.27
N ILE A 218 -0.86 15.01 16.82
CA ILE A 218 -1.60 14.92 15.56
C ILE A 218 -2.98 14.39 15.90
N THR A 219 -4.03 15.11 15.49
CA THR A 219 -5.40 14.65 15.67
C THR A 219 -6.02 14.34 14.32
N PHE A 220 -6.39 13.08 14.13
CA PHE A 220 -7.11 12.64 12.94
C PHE A 220 -8.59 12.70 13.25
N GLU A 221 -9.30 13.59 12.58
CA GLU A 221 -10.75 13.72 12.72
C GLU A 221 -11.43 12.91 11.63
N ILE A 222 -12.27 11.96 12.04
CA ILE A 222 -12.84 10.93 11.17
C ILE A 222 -14.28 11.29 10.84
N GLY A 223 -14.76 10.79 9.69
CA GLY A 223 -16.11 11.06 9.27
C GLY A 223 -16.34 12.47 8.79
N GLN A 224 -15.31 13.13 8.28
CA GLN A 224 -15.39 14.50 7.80
C GLN A 224 -15.54 14.53 6.28
N GLU A 225 -16.48 15.33 5.81
N GLU A 225 -16.48 15.33 5.81
CA GLU A 225 -16.72 15.43 4.37
CA GLU A 225 -16.72 15.42 4.37
C GLU A 225 -15.52 16.09 3.68
C GLU A 225 -15.52 16.08 3.69
N PRO A 226 -15.00 15.51 2.60
CA PRO A 226 -13.82 16.11 1.94
C PRO A 226 -14.03 17.56 1.50
N ILE A 227 -15.23 17.95 1.08
CA ILE A 227 -15.41 19.31 0.60
C ILE A 227 -15.41 20.29 1.77
N VAL A 228 -16.11 19.94 2.86
CA VAL A 228 -16.09 20.78 4.05
C VAL A 228 -14.67 20.96 4.58
N ALA A 229 -13.83 19.94 4.44
CA ALA A 229 -12.47 20.03 4.94
C ALA A 229 -11.71 21.17 4.27
N LEU A 230 -11.95 21.42 2.98
CA LEU A 230 -11.30 22.53 2.32
C LEU A 230 -11.73 23.86 2.94
N LEU A 231 -13.01 23.97 3.29
CA LEU A 231 -13.50 25.17 3.95
C LEU A 231 -12.81 25.37 5.29
N ARG A 232 -12.72 24.30 6.09
CA ARG A 232 -12.03 24.38 7.37
C ARG A 232 -10.58 24.78 7.20
N LEU A 233 -9.93 24.28 6.14
CA LEU A 233 -8.54 24.66 5.89
C LEU A 233 -8.42 26.14 5.57
N GLN A 234 -9.36 26.68 4.80
CA GLN A 234 -9.35 28.12 4.54
C GLN A 234 -9.51 28.93 5.83
N LYS A 235 -10.21 28.38 6.80
CA LYS A 235 -10.42 29.05 8.07
C LYS A 235 -9.29 28.78 9.06
N GLY A 236 -8.28 28.01 8.67
CA GLY A 236 -7.22 27.65 9.60
C GLY A 236 -7.65 26.69 10.69
N GLU A 237 -8.81 26.04 10.51
N GLU A 237 -8.79 26.02 10.53
CA GLU A 237 -9.38 25.13 11.49
CA GLU A 237 -9.28 25.14 11.58
C GLU A 237 -8.73 23.74 11.44
C GLU A 237 -8.80 23.70 11.42
N ILE A 238 -8.16 23.36 10.30
CA ILE A 238 -7.42 22.12 10.14
C ILE A 238 -6.11 22.45 9.45
N ASP A 239 -5.24 21.45 9.37
CA ASP A 239 -3.92 21.66 8.76
C ASP A 239 -3.70 20.86 7.49
N VAL A 240 -4.27 19.66 7.38
CA VAL A 240 -4.13 18.85 6.16
C VAL A 240 -5.47 18.19 5.87
N PRO A 241 -6.06 18.40 4.70
CA PRO A 241 -7.23 17.61 4.31
C PRO A 241 -6.77 16.24 3.81
N GLY A 242 -6.96 15.22 4.65
CA GLY A 242 -6.41 13.91 4.35
C GLY A 242 -6.91 13.32 3.04
N ASP A 243 -8.13 13.65 2.64
CA ASP A 243 -8.68 13.13 1.39
C ASP A 243 -8.31 14.00 0.19
N GLY A 244 -7.39 14.95 0.36
CA GLY A 244 -6.91 15.70 -0.80
C GLY A 244 -7.94 16.68 -1.34
N ILE A 245 -7.79 17.01 -2.62
CA ILE A 245 -8.59 18.05 -3.26
C ILE A 245 -9.73 17.39 -4.01
N PRO A 246 -10.99 17.56 -3.60
CA PRO A 246 -12.09 16.93 -4.33
C PRO A 246 -12.20 17.49 -5.73
N PRO A 247 -12.62 16.67 -6.71
CA PRO A 247 -12.68 17.14 -8.10
C PRO A 247 -13.58 18.35 -8.28
N ALA A 248 -14.71 18.41 -7.57
CA ALA A 248 -15.62 19.54 -7.71
C ALA A 248 -14.95 20.88 -7.38
N LYS A 249 -13.86 20.86 -6.61
CA LYS A 249 -13.20 22.09 -6.15
C LYS A 249 -11.82 22.28 -6.76
N PHE A 250 -11.31 21.33 -7.54
CA PHE A 250 -9.93 21.35 -7.98
C PHE A 250 -9.58 22.63 -8.74
N GLN A 251 -10.32 22.92 -9.81
CA GLN A 251 -9.94 24.05 -10.64
C GLN A 251 -10.06 25.36 -9.86
N GLU A 252 -11.06 25.46 -8.98
CA GLU A 252 -11.19 26.66 -8.16
C GLU A 252 -10.00 26.81 -7.21
N VAL A 253 -9.54 25.70 -6.62
CA VAL A 253 -8.37 25.77 -5.76
C VAL A 253 -7.16 26.24 -6.55
N MET A 254 -6.95 25.64 -7.73
CA MET A 254 -5.79 25.95 -8.55
C MET A 254 -5.74 27.42 -8.96
N ALA A 255 -6.90 28.03 -9.19
CA ALA A 255 -6.98 29.39 -9.72
C ALA A 255 -7.04 30.46 -8.64
N ASP A 256 -7.07 30.06 -7.37
CA ASP A 256 -7.03 30.96 -6.23
C ASP A 256 -5.62 30.97 -5.65
N PRO A 257 -4.81 31.99 -5.92
CA PRO A 257 -3.42 31.97 -5.42
C PRO A 257 -3.30 31.71 -3.92
N GLU A 258 -4.25 32.15 -3.11
CA GLU A 258 -4.16 31.93 -1.67
C GLU A 258 -4.45 30.49 -1.29
N GLN A 259 -5.10 29.73 -2.17
CA GLN A 259 -5.22 28.28 -1.96
C GLN A 259 -4.18 27.50 -2.73
N LYS A 260 -3.84 27.94 -3.95
CA LYS A 260 -2.81 27.24 -4.71
C LYS A 260 -1.49 27.23 -3.95
N ALA A 261 -1.23 28.27 -3.16
CA ALA A 261 -0.01 28.31 -2.36
C ALA A 261 0.04 27.21 -1.31
N ARG A 262 -1.11 26.61 -0.96
CA ARG A 262 -1.13 25.53 0.01
C ARG A 262 -0.98 24.17 -0.64
N VAL A 263 -0.90 24.13 -1.97
CA VAL A 263 -0.91 22.89 -2.73
C VAL A 263 0.52 22.44 -3.00
N VAL A 264 0.80 21.15 -2.77
CA VAL A 264 2.03 20.50 -3.19
C VAL A 264 1.64 19.36 -4.12
N GLU A 265 2.28 19.31 -5.29
CA GLU A 265 2.03 18.27 -6.28
C GLU A 265 3.27 17.39 -6.44
N GLY A 266 3.05 16.09 -6.54
CA GLY A 266 4.15 15.16 -6.77
C GLY A 266 3.73 14.03 -7.69
N GLY A 267 4.68 13.57 -8.49
CA GLY A 267 4.49 12.32 -9.20
C GLY A 267 4.44 11.15 -8.24
N GLN A 268 3.84 10.06 -8.68
CA GLN A 268 3.70 8.87 -7.87
C GLN A 268 4.10 7.63 -8.66
N LEU A 269 4.44 6.56 -7.93
CA LEU A 269 4.49 5.23 -8.51
C LEU A 269 3.14 4.57 -8.22
N HIS A 270 2.14 4.90 -9.05
CA HIS A 270 0.75 4.55 -8.79
C HIS A 270 0.10 3.96 -10.02
N THR A 271 -0.72 2.94 -9.80
CA THR A 271 -1.66 2.44 -10.81
C THR A 271 -2.98 2.13 -10.13
N GLY A 272 -4.07 2.63 -10.70
CA GLY A 272 -5.42 2.31 -10.27
C GLY A 272 -6.04 1.37 -11.29
N TYR A 273 -6.81 0.41 -10.80
CA TYR A 273 -7.23 -0.70 -11.65
C TYR A 273 -8.53 -1.28 -11.12
N VAL A 274 -9.22 -2.00 -12.01
CA VAL A 274 -10.34 -2.85 -11.62
C VAL A 274 -9.82 -4.27 -11.51
N THR A 275 -10.00 -4.88 -10.34
CA THR A 275 -9.71 -6.30 -10.18
C THR A 275 -10.91 -7.13 -10.59
N MET A 276 -10.63 -8.30 -11.16
CA MET A 276 -11.64 -9.32 -11.42
C MET A 276 -11.21 -10.59 -10.70
N ASN A 277 -12.16 -11.21 -9.98
CA ASN A 277 -11.83 -12.42 -9.20
C ASN A 277 -11.75 -13.63 -10.13
N THR A 278 -10.53 -14.05 -10.45
CA THR A 278 -10.32 -15.13 -11.41
C THR A 278 -10.87 -16.48 -10.95
N THR A 279 -11.35 -16.61 -9.72
CA THR A 279 -11.91 -17.85 -9.23
C THR A 279 -13.44 -17.83 -9.11
N MET A 280 -14.08 -16.69 -9.37
CA MET A 280 -15.54 -16.58 -9.32
C MET A 280 -16.11 -16.49 -10.72
N ALA A 281 -16.89 -17.49 -11.12
CA ALA A 281 -17.63 -17.38 -12.36
C ALA A 281 -18.45 -16.09 -12.35
N PRO A 282 -18.49 -15.34 -13.45
CA PRO A 282 -17.97 -15.65 -14.78
C PRO A 282 -16.54 -15.17 -15.04
N PHE A 283 -15.87 -14.60 -14.04
CA PHE A 283 -14.55 -14.00 -14.24
C PHE A 283 -13.43 -15.01 -14.14
N ASP A 284 -13.75 -16.30 -14.10
CA ASP A 284 -12.75 -17.35 -14.23
C ASP A 284 -12.44 -17.67 -15.68
N ASN A 285 -13.01 -16.92 -16.63
CA ASN A 285 -12.78 -17.11 -18.05
C ASN A 285 -11.95 -15.94 -18.55
N VAL A 286 -10.75 -16.23 -19.08
CA VAL A 286 -9.83 -15.16 -19.47
C VAL A 286 -10.47 -14.25 -20.52
N LYS A 287 -11.34 -14.78 -21.39
CA LYS A 287 -11.93 -13.92 -22.41
C LYS A 287 -12.87 -12.89 -21.79
N VAL A 288 -13.58 -13.24 -20.72
CA VAL A 288 -14.41 -12.24 -20.04
C VAL A 288 -13.55 -11.14 -19.46
N ARG A 289 -12.40 -11.50 -18.87
CA ARG A 289 -11.52 -10.50 -18.28
C ARG A 289 -10.89 -9.61 -19.35
N GLN A 290 -10.58 -10.18 -20.52
CA GLN A 290 -10.05 -9.35 -21.60
C GLN A 290 -11.13 -8.44 -22.16
N ALA A 291 -12.38 -8.92 -22.25
CA ALA A 291 -13.47 -8.04 -22.69
C ALA A 291 -13.61 -6.82 -21.79
N VAL A 292 -13.53 -7.03 -20.48
CA VAL A 292 -13.63 -5.89 -19.56
C VAL A 292 -12.49 -4.92 -19.82
N ASN A 293 -11.31 -5.44 -20.10
CA ASN A 293 -10.17 -4.57 -20.40
C ASN A 293 -10.44 -3.68 -21.61
N MET A 294 -11.21 -4.18 -22.58
CA MET A 294 -11.50 -3.39 -23.77
C MET A 294 -12.74 -2.52 -23.61
N ALA A 295 -13.39 -2.55 -22.45
CA ALA A 295 -14.65 -1.85 -22.26
C ALA A 295 -14.52 -0.53 -21.55
N ILE A 296 -13.45 -0.33 -20.80
CA ILE A 296 -13.35 0.84 -19.93
C ILE A 296 -12.92 2.05 -20.75
N ASN A 297 -13.64 3.15 -20.57
CA ASN A 297 -13.33 4.44 -21.20
C ASN A 297 -12.50 5.24 -20.20
N LYS A 298 -11.19 5.09 -20.31
CA LYS A 298 -10.27 5.65 -19.33
C LYS A 298 -10.22 7.18 -19.42
N ALA A 299 -10.28 7.73 -20.65
CA ALA A 299 -10.23 9.18 -20.80
C ALA A 299 -11.40 9.83 -20.08
N ARG A 300 -12.60 9.26 -20.20
CA ARG A 300 -13.76 9.83 -19.52
C ARG A 300 -13.58 9.78 -18.01
N ILE A 301 -13.05 8.68 -17.48
CA ILE A 301 -12.80 8.59 -16.05
C ILE A 301 -11.80 9.66 -15.63
N ILE A 302 -10.74 9.86 -16.43
CA ILE A 302 -9.73 10.84 -16.08
C ILE A 302 -10.30 12.26 -16.03
N GLN A 303 -11.31 12.55 -16.87
CA GLN A 303 -11.96 13.86 -16.78
C GLN A 303 -12.66 14.07 -15.45
N ILE A 304 -13.16 13.00 -14.84
CA ILE A 304 -13.79 13.14 -13.52
C ILE A 304 -12.78 13.67 -12.50
N ILE A 305 -11.51 13.28 -12.62
CA ILE A 305 -10.49 13.72 -11.66
C ILE A 305 -9.65 14.85 -12.28
N ASN A 306 -10.28 15.65 -13.14
CA ASN A 306 -9.69 16.91 -13.62
C ASN A 306 -8.42 16.70 -14.43
N GLY A 307 -8.31 15.56 -15.13
CA GLY A 307 -7.11 15.29 -15.89
C GLY A 307 -5.87 15.02 -15.09
N ARG A 308 -6.01 14.68 -13.79
CA ARG A 308 -4.90 14.48 -12.88
C ARG A 308 -4.22 13.15 -13.05
N ALA A 309 -4.33 12.54 -14.23
CA ALA A 309 -3.83 11.19 -14.43
C ALA A 309 -3.63 10.95 -15.91
N VAL A 310 -2.89 9.88 -16.22
CA VAL A 310 -2.75 9.40 -17.59
C VAL A 310 -3.35 8.00 -17.66
N PRO A 311 -3.81 7.56 -18.83
CA PRO A 311 -4.44 6.23 -18.91
C PRO A 311 -3.40 5.13 -18.77
N ALA A 312 -3.74 4.12 -17.96
CA ALA A 312 -2.86 2.99 -17.71
C ALA A 312 -3.21 1.81 -18.61
N ASN A 313 -2.21 1.28 -19.30
CA ASN A 313 -2.41 0.11 -20.17
C ASN A 313 -1.80 -1.17 -19.61
N GLN A 314 -1.15 -1.10 -18.44
CA GLN A 314 -0.44 -2.25 -17.89
C GLN A 314 -0.30 -2.04 -16.39
N PRO A 315 0.23 -3.03 -15.67
CA PRO A 315 0.26 -2.90 -14.20
C PRO A 315 1.23 -1.85 -13.70
N LEU A 316 2.43 -1.75 -14.26
CA LEU A 316 3.42 -0.87 -13.65
C LEU A 316 3.20 0.60 -14.01
N PRO A 317 3.49 1.50 -13.07
CA PRO A 317 3.48 2.93 -13.40
C PRO A 317 4.49 3.23 -14.47
N PRO A 318 4.21 4.22 -15.33
CA PRO A 318 5.17 4.54 -16.41
C PRO A 318 6.58 4.84 -15.95
N SER A 319 6.75 5.40 -14.75
N SER A 319 6.77 5.40 -14.75
CA SER A 319 8.07 5.77 -14.25
CA SER A 319 8.10 5.76 -14.28
C SER A 319 8.80 4.60 -13.60
C SER A 319 8.74 4.65 -13.45
N MET A 320 8.12 3.49 -13.34
CA MET A 320 8.74 2.38 -12.63
C MET A 320 9.72 1.64 -13.56
N PRO A 321 10.94 1.36 -13.11
CA PRO A 321 11.80 0.47 -13.89
C PRO A 321 11.09 -0.84 -14.19
N GLY A 322 11.14 -1.25 -15.46
CA GLY A 322 10.46 -2.44 -15.90
C GLY A 322 9.18 -2.18 -16.67
N TYR A 323 8.70 -0.95 -16.64
CA TYR A 323 7.53 -0.57 -17.43
C TYR A 323 7.79 -0.88 -18.91
N ASP A 324 6.84 -1.55 -19.54
CA ASP A 324 6.97 -1.98 -20.94
C ASP A 324 6.58 -0.81 -21.83
N LYS A 325 7.59 -0.04 -22.25
CA LYS A 325 7.34 1.18 -23.01
C LYS A 325 6.67 0.89 -24.34
N GLU A 326 6.88 -0.30 -24.89
CA GLU A 326 6.35 -0.66 -26.19
C GLU A 326 4.97 -1.27 -26.11
N TYR A 327 4.62 -1.87 -24.98
CA TYR A 327 3.39 -2.64 -24.86
C TYR A 327 2.20 -1.81 -25.35
N LYS A 328 1.42 -2.40 -26.25
CA LYS A 328 0.31 -1.68 -26.88
C LYS A 328 -0.95 -1.73 -26.03
N GLY A 329 -1.29 -2.90 -25.50
CA GLY A 329 -2.39 -3.04 -24.58
C GLY A 329 -3.71 -3.34 -25.29
N TYR A 330 -4.71 -3.58 -24.47
CA TYR A 330 -6.05 -3.85 -24.98
C TYR A 330 -6.67 -2.58 -25.55
N PRO A 331 -7.27 -2.63 -26.74
CA PRO A 331 -7.95 -1.46 -27.28
C PRO A 331 -9.27 -1.18 -26.56
N TYR A 332 -9.65 0.09 -26.52
CA TYR A 332 -11.00 0.47 -26.10
C TYR A 332 -11.91 0.19 -27.29
N ASP A 333 -12.67 -0.90 -27.22
CA ASP A 333 -13.36 -1.41 -28.41
C ASP A 333 -14.56 -2.22 -27.93
N VAL A 334 -15.71 -1.55 -27.88
CA VAL A 334 -16.93 -2.17 -27.38
C VAL A 334 -17.32 -3.36 -28.25
N ALA A 335 -17.19 -3.22 -29.57
CA ALA A 335 -17.59 -4.31 -30.47
C ALA A 335 -16.73 -5.55 -30.23
N LYS A 336 -15.42 -5.36 -30.05
N LYS A 336 -15.42 -5.36 -30.06
CA LYS A 336 -14.54 -6.48 -29.76
CA LYS A 336 -14.54 -6.48 -29.76
C LYS A 336 -14.86 -7.08 -28.40
C LYS A 336 -14.87 -7.09 -28.40
N ALA A 337 -15.12 -6.23 -27.39
CA ALA A 337 -15.46 -6.74 -26.06
C ALA A 337 -16.70 -7.63 -26.11
N LYS A 338 -17.74 -7.16 -26.80
CA LYS A 338 -18.97 -7.96 -26.93
C LYS A 338 -18.70 -9.27 -27.65
N ALA A 339 -17.86 -9.24 -28.69
CA ALA A 339 -17.55 -10.45 -29.42
C ALA A 339 -16.84 -11.46 -28.52
N LEU A 340 -15.92 -10.98 -27.69
CA LEU A 340 -15.24 -11.87 -26.76
C LEU A 340 -16.21 -12.42 -25.72
N LEU A 341 -17.12 -11.58 -25.23
CA LEU A 341 -18.11 -12.07 -24.28
C LEU A 341 -18.95 -13.19 -24.89
N ALA A 342 -19.28 -13.09 -26.17
CA ALA A 342 -20.07 -14.14 -26.81
C ALA A 342 -19.27 -15.43 -26.95
N GLU A 343 -17.98 -15.32 -27.31
CA GLU A 343 -17.12 -16.49 -27.32
C GLU A 343 -17.11 -17.18 -25.97
N ALA A 344 -17.08 -16.40 -24.89
CA ALA A 344 -17.07 -16.94 -23.54
C ALA A 344 -18.42 -17.49 -23.11
N GLY A 345 -19.40 -17.55 -24.02
CA GLY A 345 -20.70 -18.07 -23.69
C GLY A 345 -21.64 -17.06 -23.05
N HIS A 346 -21.39 -15.77 -23.23
CA HIS A 346 -22.24 -14.73 -22.65
C HIS A 346 -22.65 -13.71 -23.72
N PRO A 347 -23.27 -14.16 -24.82
CA PRO A 347 -23.75 -13.19 -25.82
C PRO A 347 -24.78 -12.23 -25.27
N ASP A 348 -25.51 -12.63 -24.24
CA ASP A 348 -26.48 -11.80 -23.57
C ASP A 348 -25.89 -11.08 -22.36
N GLY A 349 -24.59 -11.15 -22.18
CA GLY A 349 -24.00 -10.51 -21.03
C GLY A 349 -24.30 -11.27 -19.74
N PHE A 350 -24.07 -10.59 -18.62
CA PHE A 350 -24.38 -11.15 -17.31
C PHE A 350 -24.50 -10.02 -16.31
N GLU A 351 -24.97 -10.38 -15.12
CA GLU A 351 -25.06 -9.46 -14.00
C GLU A 351 -23.95 -9.78 -13.00
N THR A 352 -23.46 -8.74 -12.33
CA THR A 352 -22.37 -8.92 -11.38
C THR A 352 -22.35 -7.73 -10.43
N GLN A 353 -21.35 -7.70 -9.56
N GLN A 353 -21.34 -7.69 -9.57
CA GLN A 353 -21.20 -6.66 -8.56
CA GLN A 353 -21.20 -6.67 -8.55
C GLN A 353 -19.84 -5.98 -8.71
C GLN A 353 -19.85 -5.98 -8.67
N LEU A 354 -19.85 -4.65 -8.61
CA LEU A 354 -18.64 -3.84 -8.63
C LEU A 354 -18.51 -3.15 -7.28
N PHE A 355 -17.50 -3.53 -6.51
CA PHE A 355 -17.24 -2.91 -5.21
C PHE A 355 -16.39 -1.66 -5.38
N ALA A 356 -16.67 -0.66 -4.57
CA ALA A 356 -15.90 0.57 -4.53
C ALA A 356 -15.95 1.14 -3.11
N MET A 357 -14.88 1.82 -2.72
CA MET A 357 -14.91 2.60 -1.49
C MET A 357 -15.73 3.87 -1.71
N ASN A 358 -16.32 4.38 -0.62
N ASN A 358 -16.31 4.38 -0.62
CA ASN A 358 -17.39 5.37 -0.73
CA ASN A 358 -17.38 5.37 -0.69
C ASN A 358 -16.90 6.81 -0.49
C ASN A 358 -16.89 6.80 -0.46
N THR A 359 -15.62 7.09 -0.75
CA THR A 359 -15.10 8.46 -0.63
C THR A 359 -14.93 9.05 -2.02
N ASP A 360 -15.49 10.23 -2.23
CA ASP A 360 -15.38 10.94 -3.49
C ASP A 360 -13.92 10.97 -3.93
N PRO A 361 -13.61 10.72 -5.20
CA PRO A 361 -14.53 10.57 -6.33
C PRO A 361 -14.84 9.13 -6.70
N ASN A 362 -14.67 8.18 -5.80
CA ASN A 362 -14.69 6.80 -6.26
C ASN A 362 -16.08 6.25 -6.51
N PRO A 363 -17.12 6.70 -5.80
CA PRO A 363 -18.47 6.33 -6.22
C PRO A 363 -18.81 6.81 -7.62
N ARG A 364 -18.34 8.00 -8.01
CA ARG A 364 -18.62 8.49 -9.36
C ARG A 364 -17.77 7.75 -10.40
N ILE A 365 -16.52 7.42 -10.07
CA ILE A 365 -15.73 6.62 -11.00
C ILE A 365 -16.37 5.24 -11.18
N ALA A 366 -16.87 4.65 -10.09
CA ALA A 366 -17.55 3.37 -10.20
C ALA A 366 -18.78 3.45 -11.09
N GLN A 367 -19.49 4.58 -11.03
CA GLN A 367 -20.64 4.77 -11.91
C GLN A 367 -20.21 4.82 -13.37
N ALA A 368 -19.06 5.44 -13.64
CA ALA A 368 -18.56 5.47 -15.01
C ALA A 368 -18.18 4.07 -15.49
N ILE A 369 -17.47 3.31 -14.64
CA ILE A 369 -17.15 1.92 -15.00
C ILE A 369 -18.43 1.13 -15.21
N GLN A 370 -19.42 1.35 -14.36
CA GLN A 370 -20.69 0.66 -14.50
C GLN A 370 -21.32 0.93 -15.86
N GLN A 371 -21.32 2.20 -16.30
CA GLN A 371 -21.84 2.50 -17.62
C GLN A 371 -20.99 1.85 -18.71
N ASP A 372 -19.67 1.84 -18.54
CA ASP A 372 -18.81 1.16 -19.50
C ASP A 372 -19.16 -0.32 -19.59
N LEU A 373 -19.38 -0.97 -18.44
CA LEU A 373 -19.74 -2.37 -18.48
C LEU A 373 -21.12 -2.58 -19.11
N ALA A 374 -22.05 -1.66 -18.86
CA ALA A 374 -23.37 -1.80 -19.49
C ALA A 374 -23.27 -1.75 -21.00
N ALA A 375 -22.30 -1.00 -21.52
CA ALA A 375 -22.15 -0.87 -22.97
C ALA A 375 -21.75 -2.19 -23.63
N ILE A 376 -21.14 -3.10 -22.89
CA ILE A 376 -20.76 -4.40 -23.44
C ILE A 376 -21.67 -5.51 -22.94
N GLY A 377 -22.76 -5.17 -22.26
CA GLY A 377 -23.75 -6.13 -21.82
C GLY A 377 -23.62 -6.63 -20.39
N ILE A 378 -22.72 -6.06 -19.60
CA ILE A 378 -22.53 -6.47 -18.21
C ILE A 378 -23.27 -5.47 -17.32
N LYS A 379 -24.25 -5.95 -16.56
CA LYS A 379 -25.03 -5.11 -15.65
C LYS A 379 -24.45 -5.27 -14.25
N ALA A 380 -23.69 -4.27 -13.81
CA ALA A 380 -22.95 -4.33 -12.56
C ALA A 380 -23.59 -3.41 -11.54
N SER A 381 -24.02 -3.97 -10.42
CA SER A 381 -24.49 -3.18 -9.30
C SER A 381 -23.31 -2.74 -8.45
N ILE A 382 -23.31 -1.46 -8.07
CA ILE A 382 -22.20 -0.90 -7.30
C ILE A 382 -22.43 -1.18 -5.81
N GLN A 383 -21.46 -1.84 -5.19
CA GLN A 383 -21.45 -2.05 -3.75
C GLN A 383 -20.50 -1.00 -3.19
N SER A 384 -21.04 0.16 -2.85
CA SER A 384 -20.24 1.26 -2.34
C SER A 384 -20.17 1.15 -0.82
N LEU A 385 -19.02 0.75 -0.30
CA LEU A 385 -18.87 0.43 1.12
C LEU A 385 -17.67 1.16 1.72
N ALA A 386 -17.58 1.11 3.04
CA ALA A 386 -16.39 1.60 3.71
C ALA A 386 -15.17 0.82 3.20
N GLN A 387 -14.02 1.51 3.16
CA GLN A 387 -12.83 0.91 2.59
C GLN A 387 -12.51 -0.42 3.28
N ALA A 388 -12.61 -0.48 4.61
CA ALA A 388 -12.24 -1.72 5.30
C ALA A 388 -13.06 -2.88 4.79
N ASN A 389 -14.33 -2.64 4.44
CA ASN A 389 -15.21 -3.71 3.99
C ASN A 389 -14.99 -4.07 2.54
N VAL A 390 -14.61 -3.10 1.70
CA VAL A 390 -14.18 -3.44 0.35
C VAL A 390 -12.92 -4.29 0.39
N ILE A 391 -11.94 -3.87 1.20
CA ILE A 391 -10.69 -4.61 1.32
C ILE A 391 -10.93 -6.02 1.84
N ALA A 392 -11.80 -6.15 2.85
CA ALA A 392 -12.08 -7.48 3.39
C ALA A 392 -12.79 -8.35 2.36
N ALA A 393 -13.73 -7.79 1.62
CA ALA A 393 -14.39 -8.58 0.58
C ALA A 393 -13.39 -9.02 -0.47
N GLY A 394 -12.44 -8.15 -0.81
CA GLY A 394 -11.39 -8.54 -1.75
C GLY A 394 -10.54 -9.68 -1.23
N GLY A 395 -10.23 -9.67 0.07
CA GLY A 395 -9.41 -10.67 0.74
C GLY A 395 -10.10 -11.98 1.02
N ASP A 396 -11.34 -12.11 0.57
CA ASP A 396 -12.16 -13.31 0.68
C ASP A 396 -12.22 -13.93 -0.71
N LYS A 397 -11.74 -15.17 -0.84
CA LYS A 397 -11.74 -15.81 -2.15
C LYS A 397 -13.12 -15.87 -2.77
N ALA A 398 -14.17 -15.93 -1.94
CA ALA A 398 -15.54 -16.03 -2.42
C ALA A 398 -16.27 -14.68 -2.45
N GLY A 399 -15.55 -13.58 -2.26
CA GLY A 399 -16.16 -12.26 -2.25
C GLY A 399 -15.63 -11.34 -3.33
N ALA A 400 -16.44 -10.35 -3.71
CA ALA A 400 -16.09 -9.26 -4.61
C ALA A 400 -15.68 -9.76 -6.00
N PRO A 401 -16.66 -10.00 -6.88
CA PRO A 401 -16.32 -10.31 -8.28
C PRO A 401 -15.46 -9.25 -8.95
N MET A 402 -15.80 -7.97 -8.79
CA MET A 402 -15.04 -6.86 -9.34
C MET A 402 -14.81 -5.83 -8.26
N ILE A 403 -13.63 -5.22 -8.25
CA ILE A 403 -13.38 -4.10 -7.34
C ILE A 403 -12.68 -2.98 -8.10
N TRP A 404 -13.22 -1.76 -8.00
CA TRP A 404 -12.51 -0.57 -8.43
C TRP A 404 -11.58 -0.14 -7.29
N SER A 405 -10.27 -0.07 -7.56
CA SER A 405 -9.27 0.13 -6.52
C SER A 405 -9.08 1.59 -6.13
N GLY A 406 -9.82 2.51 -6.75
CA GLY A 406 -9.64 3.92 -6.46
C GLY A 406 -9.71 4.24 -4.98
N GLY A 407 -8.81 5.10 -4.51
CA GLY A 407 -8.74 5.45 -3.10
C GLY A 407 -8.08 4.42 -2.20
N MET A 408 -7.69 3.26 -2.73
CA MET A 408 -7.21 2.15 -1.92
C MET A 408 -5.90 1.56 -2.42
N ALA A 409 -5.72 1.43 -3.72
CA ALA A 409 -4.53 0.80 -4.27
C ALA A 409 -4.35 1.25 -5.71
N TRP A 410 -3.11 1.17 -6.21
CA TRP A 410 -1.87 0.74 -5.57
C TRP A 410 -0.79 1.79 -5.75
N ILE A 411 -0.15 2.17 -4.64
CA ILE A 411 1.04 3.02 -4.65
C ILE A 411 2.19 2.16 -4.15
N ALA A 412 3.30 2.17 -4.88
CA ALA A 412 4.44 1.33 -4.53
C ALA A 412 4.91 1.60 -3.09
N ASP A 413 5.10 0.52 -2.32
CA ASP A 413 5.66 0.67 -0.98
C ASP A 413 7.12 1.12 -1.05
N PHE A 414 7.83 0.67 -2.07
CA PHE A 414 9.22 1.02 -2.33
C PHE A 414 9.42 0.98 -3.83
N PRO A 415 10.41 1.69 -4.35
CA PRO A 415 10.48 1.96 -5.80
C PRO A 415 11.14 0.83 -6.60
N ASP A 416 10.42 -0.28 -6.74
CA ASP A 416 10.93 -1.43 -7.48
C ASP A 416 9.77 -2.17 -8.11
N PRO A 417 9.94 -2.71 -9.32
CA PRO A 417 8.84 -3.43 -9.98
C PRO A 417 8.33 -4.63 -9.18
N SER A 418 9.19 -5.23 -8.37
CA SER A 418 8.76 -6.37 -7.57
C SER A 418 7.59 -6.00 -6.66
N ASN A 419 7.50 -4.75 -6.23
CA ASN A 419 6.45 -4.37 -5.28
C ASN A 419 5.06 -4.47 -5.86
N PHE A 420 4.93 -4.42 -7.18
CA PHE A 420 3.63 -4.54 -7.84
C PHE A 420 3.23 -5.98 -8.11
N TYR A 421 4.00 -6.95 -7.61
CA TYR A 421 3.72 -8.36 -7.89
C TYR A 421 3.23 -9.07 -6.63
N GLY A 422 4.15 -9.52 -5.77
CA GLY A 422 3.83 -10.36 -4.64
C GLY A 422 2.49 -10.10 -3.96
N PRO A 423 2.29 -8.87 -3.46
CA PRO A 423 1.10 -8.62 -2.64
C PRO A 423 -0.21 -8.48 -3.40
N ILE A 424 -0.18 -8.23 -4.70
CA ILE A 424 -1.40 -7.89 -5.43
C ILE A 424 -1.63 -8.73 -6.68
N LEU A 425 -0.59 -9.33 -7.26
CA LEU A 425 -0.73 -10.19 -8.42
C LEU A 425 -0.04 -11.52 -8.25
N GLY A 426 0.65 -11.74 -7.12
CA GLY A 426 1.37 -12.99 -6.88
C GLY A 426 0.58 -13.91 -5.98
N CYS A 427 0.95 -15.20 -6.00
CA CYS A 427 0.25 -16.14 -5.13
C CYS A 427 0.33 -15.73 -3.67
N ALA A 428 1.41 -15.04 -3.29
CA ALA A 428 1.60 -14.62 -1.90
C ALA A 428 0.51 -13.67 -1.43
N GLY A 429 -0.11 -12.94 -2.36
CA GLY A 429 -1.17 -12.03 -1.99
C GLY A 429 -2.55 -12.62 -2.12
N ALA A 430 -2.67 -13.77 -2.79
CA ALA A 430 -3.95 -14.45 -2.94
C ALA A 430 -4.14 -15.39 -1.76
N VAL A 431 -4.32 -14.77 -0.60
CA VAL A 431 -4.47 -15.43 0.69
C VAL A 431 -5.55 -14.71 1.46
N PRO A 432 -6.11 -15.33 2.49
CA PRO A 432 -7.13 -14.65 3.29
C PRO A 432 -6.58 -13.36 3.87
N GLY A 433 -7.34 -12.28 3.71
CA GLY A 433 -6.87 -10.98 4.12
C GLY A 433 -5.84 -10.34 3.20
N GLY A 434 -5.58 -10.94 2.05
CA GLY A 434 -4.59 -10.40 1.13
C GLY A 434 -5.14 -9.27 0.28
N TRP A 435 -4.25 -8.66 -0.50
CA TRP A 435 -4.60 -7.59 -1.41
C TRP A 435 -4.56 -8.02 -2.88
N ASN A 436 -4.38 -9.30 -3.15
CA ASN A 436 -4.60 -9.85 -4.50
C ASN A 436 -6.08 -10.19 -4.62
N TRP A 437 -6.88 -9.15 -4.85
CA TRP A 437 -8.32 -9.32 -4.92
C TRP A 437 -8.75 -10.06 -6.18
N SER A 438 -7.86 -10.14 -7.17
CA SER A 438 -8.08 -11.01 -8.33
C SER A 438 -7.94 -12.48 -7.98
N TRP A 439 -7.36 -12.80 -6.81
CA TRP A 439 -7.04 -14.17 -6.44
C TRP A 439 -6.29 -14.88 -7.55
N TYR A 440 -5.43 -14.09 -8.22
CA TYR A 440 -4.65 -14.55 -9.37
C TYR A 440 -3.37 -15.19 -8.86
N CYS A 441 -3.23 -16.49 -9.08
CA CYS A 441 -2.08 -17.24 -8.59
C CYS A 441 -1.49 -18.04 -9.74
N ASN A 442 -0.37 -17.57 -10.26
CA ASN A 442 0.34 -18.20 -11.37
C ASN A 442 1.66 -18.68 -10.82
N LYS A 443 1.73 -19.98 -10.48
CA LYS A 443 2.94 -20.52 -9.86
C LYS A 443 4.16 -20.33 -10.75
N ASP A 444 3.97 -20.42 -12.07
N ASP A 444 3.98 -20.42 -12.08
CA ASP A 444 5.07 -20.21 -13.01
CA ASP A 444 5.11 -20.23 -12.98
C ASP A 444 5.66 -18.82 -12.84
C ASP A 444 5.67 -18.81 -12.89
N LEU A 445 4.79 -17.81 -12.77
CA LEU A 445 5.27 -16.43 -12.63
C LEU A 445 5.87 -16.18 -11.26
N ASP A 446 5.35 -16.85 -10.21
CA ASP A 446 5.96 -16.73 -8.89
C ASP A 446 7.44 -17.11 -8.97
N ALA A 447 7.73 -18.19 -9.68
CA ALA A 447 9.11 -18.64 -9.83
C ALA A 447 9.94 -17.65 -10.64
N LYS A 448 9.36 -17.13 -11.73
CA LYS A 448 10.05 -16.11 -12.52
C LYS A 448 10.31 -14.86 -11.71
N ALA A 449 9.37 -14.50 -10.84
CA ALA A 449 9.55 -13.34 -9.97
C ALA A 449 10.70 -13.55 -8.99
N ALA A 450 10.78 -14.73 -8.37
CA ALA A 450 11.92 -15.03 -7.51
C ALA A 450 13.23 -14.99 -8.30
N GLU A 451 13.23 -15.52 -9.52
CA GLU A 451 14.42 -15.46 -10.36
C GLU A 451 14.83 -14.02 -10.64
N ALA A 452 13.85 -13.17 -10.97
CA ALA A 452 14.16 -11.77 -11.29
C ALA A 452 14.68 -11.04 -10.08
N ASP A 453 14.14 -11.33 -8.90
CA ASP A 453 14.65 -10.68 -7.70
C ASP A 453 15.99 -11.25 -7.23
N SER A 454 16.47 -12.33 -7.84
CA SER A 454 17.80 -12.82 -7.53
C SER A 454 18.90 -12.14 -8.33
N VAL A 455 18.54 -11.27 -9.28
CA VAL A 455 19.51 -10.56 -10.10
C VAL A 455 19.85 -9.29 -9.33
N VAL A 456 20.92 -9.36 -8.53
CA VAL A 456 21.22 -8.30 -7.58
C VAL A 456 22.37 -7.40 -8.02
N ASP A 457 23.17 -7.82 -8.99
CA ASP A 457 24.23 -6.96 -9.47
C ASP A 457 23.64 -5.68 -10.06
N PRO A 458 23.91 -4.51 -9.47
CA PRO A 458 23.28 -3.28 -9.97
C PRO A 458 23.58 -3.00 -11.42
N ALA A 459 24.68 -3.53 -11.96
CA ALA A 459 25.02 -3.35 -13.37
C ALA A 459 24.15 -4.20 -14.28
N LYS A 460 23.44 -5.19 -13.73
CA LYS A 460 22.53 -6.02 -14.49
C LYS A 460 21.10 -5.51 -14.36
N GLY A 461 20.93 -4.26 -13.93
CA GLY A 461 19.60 -3.74 -13.69
C GLY A 461 18.73 -3.74 -14.92
N ALA A 462 19.30 -3.36 -16.07
CA ALA A 462 18.57 -3.37 -17.32
C ALA A 462 18.00 -4.76 -17.62
N GLU A 463 18.84 -5.79 -17.50
CA GLU A 463 18.34 -7.13 -17.76
C GLU A 463 17.25 -7.51 -16.77
N ARG A 464 17.41 -7.11 -15.49
CA ARG A 464 16.40 -7.42 -14.49
C ARG A 464 15.10 -6.68 -14.76
N ASP A 465 15.19 -5.43 -15.20
CA ASP A 465 13.99 -4.69 -15.54
C ASP A 465 13.23 -5.38 -16.66
N LYS A 466 13.94 -5.94 -17.65
CA LYS A 466 13.26 -6.62 -18.74
C LYS A 466 12.66 -7.96 -18.31
N MET A 467 13.28 -8.66 -17.35
CA MET A 467 12.64 -9.85 -16.81
C MET A 467 11.31 -9.50 -16.14
N TRP A 468 11.27 -8.38 -15.42
CA TRP A 468 10.01 -7.96 -14.82
C TRP A 468 9.00 -7.55 -15.88
N SER A 469 9.45 -6.83 -16.91
N SER A 469 9.46 -6.84 -16.91
CA SER A 469 8.57 -6.49 -18.02
CA SER A 469 8.56 -6.49 -18.01
C SER A 469 7.90 -7.75 -18.58
C SER A 469 7.91 -7.74 -18.60
N ALA A 470 8.67 -8.82 -18.71
CA ALA A 470 8.13 -10.05 -19.26
C ALA A 470 7.08 -10.67 -18.35
N ILE A 471 7.29 -10.55 -17.04
CA ILE A 471 6.31 -11.06 -16.09
C ILE A 471 4.99 -10.31 -16.23
N TYR A 472 5.06 -8.98 -16.30
CA TYR A 472 3.82 -8.23 -16.40
C TYR A 472 3.17 -8.38 -17.77
N ASP A 473 3.96 -8.67 -18.81
CA ASP A 473 3.37 -9.00 -20.10
C ASP A 473 2.47 -10.21 -20.00
N LYS A 474 2.90 -11.22 -19.25
CA LYS A 474 2.08 -12.42 -19.06
C LYS A 474 0.87 -12.13 -18.18
N VAL A 475 1.05 -11.37 -17.10
CA VAL A 475 -0.09 -10.95 -16.30
C VAL A 475 -1.14 -10.32 -17.20
N MET A 476 -0.71 -9.44 -18.09
CA MET A 476 -1.65 -8.68 -18.91
C MET A 476 -2.41 -9.63 -19.85
N GLU A 477 -1.75 -10.71 -20.29
CA GLU A 477 -2.42 -11.68 -21.14
C GLU A 477 -3.53 -12.42 -20.38
N ASP A 478 -3.31 -12.71 -19.09
CA ASP A 478 -4.32 -13.35 -18.25
C ASP A 478 -5.34 -12.36 -17.70
N ALA A 479 -5.07 -11.06 -17.77
CA ALA A 479 -6.07 -10.02 -17.51
C ALA A 479 -6.72 -10.10 -16.13
N PRO A 480 -5.98 -10.37 -15.04
CA PRO A 480 -6.60 -10.31 -13.71
C PRO A 480 -6.97 -8.89 -13.31
N TRP A 481 -6.39 -7.89 -13.96
CA TRP A 481 -6.69 -6.48 -13.79
C TRP A 481 -7.16 -5.89 -15.10
N ALA A 482 -8.02 -4.88 -14.99
CA ALA A 482 -8.19 -3.89 -16.04
C ALA A 482 -7.55 -2.60 -15.55
N PRO A 483 -6.31 -2.28 -15.93
CA PRO A 483 -5.69 -1.04 -15.46
C PRO A 483 -6.46 0.16 -15.99
N VAL A 484 -6.52 1.21 -15.18
CA VAL A 484 -7.31 2.38 -15.58
C VAL A 484 -6.45 3.63 -15.69
N PHE A 485 -5.82 4.08 -14.60
CA PHE A 485 -5.01 5.29 -14.71
C PHE A 485 -3.86 5.28 -13.73
N ASN A 486 -2.89 6.17 -14.00
CA ASN A 486 -1.78 6.48 -13.11
C ASN A 486 -1.95 7.92 -12.63
N GLU A 487 -2.18 8.09 -11.34
CA GLU A 487 -2.68 9.31 -10.74
C GLU A 487 -1.56 10.17 -10.18
N GLN A 488 -1.67 11.49 -10.37
CA GLN A 488 -0.82 12.46 -9.68
C GLN A 488 -1.28 12.61 -8.24
N ARG A 489 -0.34 13.00 -7.37
CA ARG A 489 -0.67 13.31 -5.98
C ARG A 489 -0.78 14.82 -5.80
N PHE A 490 -1.86 15.27 -5.16
CA PHE A 490 -2.01 16.66 -4.75
C PHE A 490 -2.29 16.71 -3.24
N THR A 491 -1.38 17.34 -2.50
CA THR A 491 -1.52 17.52 -1.07
C THR A 491 -1.73 18.99 -0.75
N MET A 492 -2.54 19.25 0.27
CA MET A 492 -2.87 20.59 0.73
C MET A 492 -2.35 20.72 2.16
N LYS A 493 -1.75 21.85 2.50
CA LYS A 493 -1.26 22.05 3.86
C LYS A 493 -1.47 23.51 4.26
N SER A 494 -1.77 23.71 5.55
CA SER A 494 -1.95 25.06 6.07
C SER A 494 -0.63 25.82 6.05
N ALA A 495 -0.74 27.15 6.13
CA ALA A 495 0.44 28.00 6.03
C ALA A 495 1.42 27.77 7.17
N ARG A 496 0.95 27.34 8.32
CA ARG A 496 1.88 27.15 9.43
C ARG A 496 2.71 25.90 9.29
N MET A 497 2.42 25.05 8.33
CA MET A 497 3.12 23.76 8.27
C MET A 497 4.44 23.94 7.52
N GLY A 498 5.54 23.67 8.22
CA GLY A 498 6.85 23.86 7.67
C GLY A 498 7.45 22.57 7.11
N GLY A 499 8.52 22.75 6.37
CA GLY A 499 9.24 21.61 5.83
C GLY A 499 9.23 21.57 4.32
N ALA A 500 10.15 20.77 3.77
CA ALA A 500 10.28 20.66 2.33
C ALA A 500 9.04 20.06 1.71
N ASP A 501 8.81 20.43 0.45
CA ASP A 501 7.71 19.86 -0.32
C ASP A 501 7.72 18.33 -0.26
N ASN A 502 8.89 17.70 -0.30
CA ASN A 502 8.84 16.25 -0.41
C ASN A 502 8.44 15.56 0.89
N LEU A 503 8.22 16.32 1.97
CA LEU A 503 7.64 15.73 3.17
C LEU A 503 6.12 15.67 3.11
N TYR A 504 5.50 16.39 2.18
CA TYR A 504 4.04 16.37 2.01
C TYR A 504 3.61 15.56 0.81
N VAL A 505 4.55 15.11 -0.01
CA VAL A 505 4.30 14.11 -1.03
C VAL A 505 5.39 13.05 -0.88
N ASP A 506 5.58 12.60 0.36
CA ASP A 506 6.67 11.69 0.68
C ASP A 506 6.48 10.37 -0.08
N PRO A 507 7.50 9.88 -0.79
CA PRO A 507 7.32 8.66 -1.58
C PRO A 507 7.28 7.37 -0.77
N VAL A 508 7.58 7.41 0.53
CA VAL A 508 7.61 6.21 1.37
C VAL A 508 6.61 6.34 2.51
N HIS A 509 6.78 7.36 3.34
CA HIS A 509 5.79 7.68 4.37
C HIS A 509 4.63 8.37 3.66
N ILE A 510 3.90 7.58 2.89
CA ILE A 510 2.97 8.04 1.87
C ILE A 510 2.01 8.99 2.59
N PRO A 511 1.19 9.77 1.90
CA PRO A 511 0.87 11.10 2.41
C PRO A 511 2.05 11.85 3.02
N ILE A 512 2.00 12.07 4.33
CA ILE A 512 2.87 13.04 4.96
C ILE A 512 3.86 12.33 5.87
N ASN A 513 5.09 12.85 5.90
CA ASN A 513 6.13 12.38 6.81
C ASN A 513 5.85 13.00 8.19
N TYR A 514 5.01 12.30 8.96
CA TYR A 514 4.55 12.83 10.24
C TYR A 514 5.69 13.14 11.19
N ASP A 515 6.77 12.35 11.15
CA ASP A 515 7.85 12.49 12.11
C ASP A 515 8.74 13.70 11.84
N ASN A 516 8.75 14.21 10.61
CA ASN A 516 9.69 15.25 10.23
C ASN A 516 9.06 16.58 9.81
N VAL A 517 7.73 16.63 9.60
CA VAL A 517 7.08 17.93 9.44
C VAL A 517 7.10 18.68 10.77
N TYR A 518 6.84 19.98 10.70
CA TYR A 518 6.84 20.81 11.89
C TYR A 518 5.94 22.01 11.68
N VAL A 519 5.64 22.71 12.76
CA VAL A 519 4.88 23.97 12.70
C VAL A 519 5.86 25.13 12.82
N LYS A 520 5.69 26.13 11.95
CA LYS A 520 6.53 27.34 12.00
C LYS A 520 6.13 28.23 13.17
#